data_7QEH
#
_entry.id   7QEH
#
_cell.length_a   30.561
_cell.length_b   43.481
_cell.length_c   89.107
_cell.angle_alpha   90.000
_cell.angle_beta   90.000
_cell.angle_gamma   90.000
#
_symmetry.space_group_name_H-M   'P 21 21 21'
#
loop_
_entity.id
_entity.type
_entity.pdbx_description
1 polymer S-layer
2 non-polymer 'PHOSPHATE ION'
3 water water
#
_entity_poly.entity_id   1
_entity_poly.type   'polypeptide(L)'
_entity_poly.pdbx_seq_one_letter_code
;(MSE)VSVANAAQTPAAQETTKNVTI(MSE)HISTIYDKTGKATNEPALRAYDTVSVVSDPVTINNAKFYKLAGKDQYIK
VGNVDGTSRTLKHNSYVYKSSGKRANKKTLKKGSSVTTYGKSF(MSE)IAGHQ(MSE)YRIGKNQYVKKANFLEHHHHHH
;
_entity_poly.pdbx_strand_id   A
#
# COMPACT_ATOMS: atom_id res chain seq x y z
N GLU A 15 -14.90 8.26 18.73
CA GLU A 15 -14.12 7.37 17.89
C GLU A 15 -12.93 6.83 18.65
N THR A 16 -12.62 5.55 18.45
CA THR A 16 -11.37 4.98 18.93
C THR A 16 -10.37 4.99 17.78
N THR A 17 -9.20 5.56 18.01
CA THR A 17 -8.27 5.83 16.93
C THR A 17 -6.91 5.19 17.17
N LYS A 18 -6.16 5.05 16.08
CA LYS A 18 -4.81 4.55 16.14
C LYS A 18 -3.99 5.31 15.11
N ASN A 19 -2.68 5.20 15.23
CA ASN A 19 -1.76 5.88 14.33
C ASN A 19 -1.22 4.89 13.30
N VAL A 20 -1.20 5.30 12.03
CA VAL A 20 -0.74 4.41 10.98
C VAL A 20 0.17 5.22 10.08
N THR A 21 1.02 4.48 9.37
CA THR A 21 1.92 5.03 8.37
C THR A 21 1.33 4.81 6.99
N ILE A 22 1.19 5.89 6.23
CA ILE A 22 0.79 5.78 4.84
C ILE A 22 1.93 5.14 4.07
N HIS A 24 1.69 4.36 0.62
CA HIS A 24 1.43 4.58 -0.80
C HIS A 24 0.57 5.82 -0.90
N ILE A 25 0.90 6.71 -1.84
CA ILE A 25 0.07 7.90 -2.07
C ILE A 25 -1.40 7.48 -2.10
N SER A 26 -2.23 8.19 -1.34
CA SER A 26 -3.61 7.76 -1.06
C SER A 26 -4.62 8.85 -1.41
N THR A 27 -5.51 8.52 -2.35
CA THR A 27 -6.67 9.37 -2.60
C THR A 27 -7.58 9.40 -1.38
N ILE A 28 -8.18 10.57 -1.16
CA ILE A 28 -9.16 10.75 -0.11
C ILE A 28 -10.54 10.48 -0.72
N TYR A 29 -11.27 9.52 -0.15
CA TYR A 29 -12.60 9.16 -0.62
C TYR A 29 -13.65 9.66 0.36
N ASP A 30 -14.87 9.82 -0.15
CA ASP A 30 -15.99 10.15 0.73
C ASP A 30 -16.66 8.88 1.24
N LYS A 31 -17.68 9.07 2.10
CA LYS A 31 -18.37 7.97 2.77
C LYS A 31 -19.03 6.99 1.80
N THR A 32 -19.25 7.38 0.55
CA THR A 32 -19.80 6.47 -0.44
C THR A 32 -18.71 5.80 -1.27
N GLY A 33 -17.44 6.03 -0.95
CA GLY A 33 -16.36 5.43 -1.73
C GLY A 33 -16.02 6.17 -2.99
N LYS A 34 -16.47 7.42 -3.12
CA LYS A 34 -16.22 8.22 -4.30
C LYS A 34 -14.98 9.09 -4.06
N ALA A 35 -14.08 9.13 -5.02
CA ALA A 35 -12.89 9.93 -4.85
C ALA A 35 -13.27 11.39 -4.72
N THR A 36 -12.54 12.07 -3.85
CA THR A 36 -12.59 13.53 -3.74
C THR A 36 -11.34 14.14 -4.35
N ASN A 37 -11.37 15.45 -4.49
CA ASN A 37 -10.20 16.21 -4.91
C ASN A 37 -9.37 16.75 -3.74
N GLU A 38 -9.64 16.30 -2.51
CA GLU A 38 -8.81 16.69 -1.39
C GLU A 38 -7.36 16.24 -1.59
N PRO A 39 -6.39 16.95 -1.02
CA PRO A 39 -4.98 16.60 -1.28
C PRO A 39 -4.69 15.16 -0.83
N ALA A 40 -4.03 14.41 -1.70
CA ALA A 40 -3.73 13.03 -1.38
C ALA A 40 -2.75 12.95 -0.22
N LEU A 41 -2.90 11.92 0.61
CA LEU A 41 -1.92 11.64 1.64
C LEU A 41 -0.71 10.98 1.00
N ARG A 42 0.46 11.27 1.53
CA ARG A 42 1.72 10.89 0.92
C ARG A 42 2.41 9.79 1.71
N ALA A 43 3.14 8.95 0.98
CA ALA A 43 3.81 7.82 1.59
C ALA A 43 4.73 8.27 2.70
N TYR A 44 4.70 7.48 3.78
CA TYR A 44 5.47 7.56 5.00
C TYR A 44 5.02 8.68 5.92
N ASP A 45 4.00 9.47 5.56
CA ASP A 45 3.35 10.30 6.58
C ASP A 45 2.56 9.44 7.57
N THR A 46 2.41 9.96 8.80
CA THR A 46 1.64 9.29 9.84
C THR A 46 0.33 10.01 10.04
N VAL A 47 -0.74 9.25 10.22
CA VAL A 47 -2.07 9.82 10.34
C VAL A 47 -2.83 9.02 11.38
N SER A 48 -3.78 9.70 12.04
CA SER A 48 -4.68 9.07 12.98
C SER A 48 -5.91 8.60 12.24
N VAL A 49 -6.25 7.31 12.41
CA VAL A 49 -7.43 6.73 11.78
C VAL A 49 -8.28 6.05 12.84
N VAL A 50 -9.57 5.96 12.52
CA VAL A 50 -10.44 5.11 13.33
C VAL A 50 -9.91 3.69 13.27
N SER A 51 -9.81 3.03 14.42
CA SER A 51 -9.00 1.82 14.50
C SER A 51 -9.54 0.67 13.66
N ASP A 52 -10.88 0.55 13.54
CA ASP A 52 -11.47 -0.54 12.75
C ASP A 52 -11.81 -0.05 11.35
N PRO A 53 -11.36 -0.75 10.31
CA PRO A 53 -11.73 -0.32 8.96
C PRO A 53 -13.22 -0.41 8.73
N VAL A 54 -13.69 0.35 7.75
CA VAL A 54 -15.07 0.28 7.28
C VAL A 54 -15.07 -0.37 5.91
N THR A 55 -16.20 -0.97 5.57
CA THR A 55 -16.40 -1.59 4.26
C THR A 55 -17.33 -0.70 3.47
N ILE A 56 -16.93 -0.36 2.25
CA ILE A 56 -17.76 0.42 1.32
C ILE A 56 -17.68 -0.31 -0.01
N ASN A 57 -18.80 -0.85 -0.49
CA ASN A 57 -18.79 -1.56 -1.78
C ASN A 57 -17.80 -2.73 -1.75
N ASN A 58 -17.84 -3.48 -0.65
CA ASN A 58 -16.99 -4.65 -0.41
C ASN A 58 -15.50 -4.31 -0.42
N ALA A 59 -15.16 -3.02 -0.37
CA ALA A 59 -13.78 -2.58 -0.23
C ALA A 59 -13.56 -2.01 1.16
N LYS A 60 -12.35 -2.21 1.70
CA LYS A 60 -12.05 -1.79 3.06
C LYS A 60 -11.32 -0.44 3.03
N PHE A 61 -11.75 0.45 3.93
CA PHE A 61 -11.17 1.77 4.07
C PHE A 61 -10.88 2.05 5.55
N TYR A 62 -9.88 2.88 5.79
CA TYR A 62 -9.73 3.58 7.06
C TYR A 62 -10.40 4.95 6.97
N LYS A 63 -11.19 5.26 7.99
CA LYS A 63 -11.70 6.61 8.18
C LYS A 63 -10.65 7.44 8.90
N LEU A 64 -10.36 8.63 8.40
CA LEU A 64 -9.47 9.51 9.12
C LEU A 64 -10.16 10.02 10.38
N ALA A 65 -9.41 10.08 11.48
CA ALA A 65 -9.96 10.51 12.76
C ALA A 65 -10.54 11.92 12.65
N GLY A 66 -11.80 12.07 13.06
CA GLY A 66 -12.44 13.37 13.10
C GLY A 66 -12.90 13.92 11.77
N LYS A 67 -12.77 13.17 10.67
CA LYS A 67 -13.11 13.68 9.35
C LYS A 67 -13.92 12.66 8.57
N ASP A 68 -14.82 13.14 7.73
CA ASP A 68 -15.59 12.25 6.84
C ASP A 68 -14.79 11.97 5.56
N GLN A 69 -13.60 11.44 5.78
CA GLN A 69 -12.62 11.18 4.74
C GLN A 69 -12.11 9.76 4.94
N TYR A 70 -11.86 9.05 3.84
CA TYR A 70 -11.58 7.62 3.88
C TYR A 70 -10.43 7.31 2.93
N ILE A 71 -9.53 6.43 3.36
CA ILE A 71 -8.46 5.95 2.50
C ILE A 71 -8.45 4.44 2.41
N LYS A 72 -7.95 3.92 1.31
CA LYS A 72 -7.94 2.47 1.13
C LYS A 72 -6.97 1.78 2.08
N VAL A 73 -7.42 0.68 2.69
CA VAL A 73 -6.56 -0.04 3.61
C VAL A 73 -5.33 -0.59 2.91
N GLY A 74 -5.44 -0.89 1.62
CA GLY A 74 -4.27 -1.45 0.94
C GLY A 74 -3.10 -0.50 0.88
N ASN A 75 -3.33 0.80 1.06
CA ASN A 75 -2.26 1.79 1.08
C ASN A 75 -1.59 1.90 2.44
N VAL A 76 -2.12 1.18 3.44
CA VAL A 76 -1.65 1.29 4.83
C VAL A 76 -1.21 -0.08 5.31
N ASP A 77 -2.13 -1.05 5.31
CA ASP A 77 -1.80 -2.38 5.77
C ASP A 77 -1.31 -3.27 4.65
N GLY A 78 -1.58 -2.91 3.41
CA GLY A 78 -1.09 -3.71 2.32
C GLY A 78 -1.94 -4.94 2.06
N THR A 79 -1.41 -5.75 1.16
CA THR A 79 -2.01 -6.98 0.68
C THR A 79 -0.93 -8.05 0.70
N SER A 80 -1.22 -9.20 1.31
CA SER A 80 -0.28 -10.32 1.25
C SER A 80 -0.42 -11.01 -0.10
N ARG A 81 0.70 -11.19 -0.79
CA ARG A 81 0.78 -11.83 -2.07
C ARG A 81 1.88 -12.88 -2.08
N THR A 82 1.65 -13.96 -2.81
CA THR A 82 2.61 -15.04 -2.88
C THR A 82 3.43 -14.95 -4.14
N LEU A 83 4.73 -15.15 -4.00
CA LEU A 83 5.64 -15.12 -5.13
C LEU A 83 5.58 -16.40 -5.95
N LYS A 84 5.43 -16.26 -7.27
CA LYS A 84 5.48 -17.42 -8.14
C LYS A 84 6.87 -17.65 -8.71
N HIS A 85 7.77 -16.68 -8.60
CA HIS A 85 9.16 -16.80 -9.03
C HIS A 85 10.10 -16.21 -7.98
N ASN A 86 11.29 -16.79 -7.86
CA ASN A 86 12.35 -16.15 -7.11
C ASN A 86 12.54 -14.74 -7.64
N SER A 87 12.74 -13.79 -6.73
CA SER A 87 12.64 -12.37 -7.08
C SER A 87 13.73 -11.56 -6.42
N TYR A 88 14.28 -10.59 -7.16
CA TYR A 88 15.13 -9.59 -6.55
C TYR A 88 14.29 -8.44 -6.01
N VAL A 89 14.88 -7.70 -5.08
CA VAL A 89 14.28 -6.50 -4.52
C VAL A 89 15.06 -5.34 -5.12
N TYR A 90 14.33 -4.35 -5.64
CA TYR A 90 14.91 -3.18 -6.27
C TYR A 90 14.63 -1.90 -5.50
N LYS A 91 15.51 -0.94 -5.66
CA LYS A 91 15.27 0.44 -5.28
C LYS A 91 14.60 1.19 -6.43
N SER A 92 14.05 2.36 -6.12
CA SER A 92 13.34 3.12 -7.14
C SER A 92 14.28 3.59 -8.27
N SER A 93 15.57 3.71 -7.99
CA SER A 93 16.54 4.02 -9.05
C SER A 93 16.65 2.93 -10.10
N GLY A 94 16.27 1.70 -9.77
CA GLY A 94 16.52 0.57 -10.63
C GLY A 94 17.67 -0.33 -10.17
N LYS A 95 18.52 0.15 -9.26
CA LYS A 95 19.51 -0.72 -8.67
C LYS A 95 18.84 -1.74 -7.78
N ARG A 96 19.48 -2.90 -7.64
CA ARG A 96 19.06 -3.85 -6.62
C ARG A 96 19.24 -3.25 -5.22
N ALA A 97 18.24 -3.46 -4.36
CA ALA A 97 18.27 -2.89 -3.01
C ALA A 97 19.29 -3.61 -2.14
N ASN A 98 19.55 -4.87 -2.48
CA ASN A 98 20.42 -5.78 -1.73
C ASN A 98 20.69 -6.92 -2.71
N LYS A 99 21.39 -7.95 -2.24
CA LYS A 99 21.58 -9.13 -3.07
C LYS A 99 20.73 -10.29 -2.60
N LYS A 100 19.73 -10.04 -1.76
CA LYS A 100 18.87 -11.11 -1.32
C LYS A 100 17.92 -11.48 -2.46
N THR A 101 17.45 -12.73 -2.41
CA THR A 101 16.41 -13.23 -3.29
C THR A 101 15.24 -13.62 -2.41
N LEU A 102 14.06 -13.07 -2.70
CA LEU A 102 12.84 -13.57 -2.10
C LEU A 102 12.42 -14.84 -2.85
N LYS A 103 12.20 -15.91 -2.12
CA LYS A 103 12.04 -17.21 -2.74
C LYS A 103 10.61 -17.44 -3.18
N LYS A 104 10.46 -18.12 -4.32
CA LYS A 104 9.17 -18.60 -4.80
C LYS A 104 8.39 -19.24 -3.67
N GLY A 105 7.12 -18.88 -3.56
CA GLY A 105 6.24 -19.38 -2.51
C GLY A 105 6.22 -18.54 -1.25
N SER A 106 7.14 -17.59 -1.12
CA SER A 106 7.12 -16.64 -0.03
C SER A 106 5.87 -15.76 -0.09
N SER A 107 5.33 -15.47 1.08
CA SER A 107 4.28 -14.46 1.21
C SER A 107 4.91 -13.12 1.52
N VAL A 108 4.63 -12.11 0.67
CA VAL A 108 5.19 -10.78 0.82
C VAL A 108 4.06 -9.75 0.83
N THR A 109 4.12 -8.80 1.75
CA THR A 109 3.10 -7.76 1.80
C THR A 109 3.45 -6.66 0.80
N THR A 110 2.50 -6.31 -0.04
CA THR A 110 2.66 -5.22 -1.00
C THR A 110 1.71 -4.08 -0.62
N TYR A 111 2.09 -2.84 -0.98
CA TYR A 111 1.32 -1.67 -0.57
C TYR A 111 0.80 -0.93 -1.81
N GLY A 112 -0.51 -0.99 -2.02
CA GLY A 112 -1.17 -0.21 -3.05
C GLY A 112 -0.89 -0.68 -4.47
N LYS A 113 -1.16 0.24 -5.40
CA LYS A 113 -1.01 -0.02 -6.83
C LYS A 113 0.47 -0.06 -7.20
N SER A 114 0.79 -0.87 -8.21
CA SER A 114 2.16 -0.99 -8.64
C SER A 114 2.68 0.31 -9.23
N PHE A 115 3.99 0.47 -9.16
CA PHE A 115 4.74 1.62 -9.67
C PHE A 115 5.55 1.20 -10.89
N ILE A 117 9.01 1.18 -12.24
CA ILE A 117 10.39 1.24 -11.76
C ILE A 117 11.30 0.66 -12.82
N ALA A 118 12.18 1.50 -13.39
CA ALA A 118 13.11 1.05 -14.42
C ALA A 118 12.38 0.32 -15.54
N GLY A 119 11.19 0.81 -15.89
CA GLY A 119 10.41 0.27 -16.97
C GLY A 119 9.53 -0.90 -16.64
N HIS A 120 9.58 -1.40 -15.40
CA HIS A 120 8.81 -2.57 -15.02
C HIS A 120 7.76 -2.15 -14.02
N GLN A 121 6.58 -2.77 -14.11
CA GLN A 121 5.60 -2.63 -13.05
C GLN A 121 6.11 -3.35 -11.82
N TYR A 123 5.59 -3.75 -7.35
CA TYR A 123 4.95 -3.41 -6.09
C TYR A 123 5.95 -2.91 -5.06
N ARG A 124 5.53 -1.92 -4.27
CA ARG A 124 6.29 -1.49 -3.13
C ARG A 124 6.08 -2.51 -2.00
N ILE A 125 7.18 -2.99 -1.44
CA ILE A 125 7.14 -3.92 -0.30
C ILE A 125 7.76 -3.31 0.96
N GLY A 126 8.25 -2.09 0.87
CA GLY A 126 8.93 -1.46 1.98
C GLY A 126 9.46 -0.14 1.50
N LYS A 127 10.06 0.61 2.41
CA LYS A 127 10.55 1.91 2.03
C LYS A 127 11.68 1.73 1.02
N ASN A 128 11.49 2.28 -0.18
CA ASN A 128 12.41 2.15 -1.29
C ASN A 128 12.77 0.71 -1.57
N GLN A 129 11.78 -0.17 -1.51
CA GLN A 129 11.94 -1.57 -1.86
C GLN A 129 10.78 -2.00 -2.73
N TYR A 130 11.10 -2.58 -3.89
CA TYR A 130 10.14 -2.94 -4.92
C TYR A 130 10.44 -4.32 -5.48
N VAL A 131 9.36 -5.04 -5.85
CA VAL A 131 9.43 -6.36 -6.47
C VAL A 131 8.55 -6.39 -7.70
N LYS A 132 9.04 -7.00 -8.77
CA LYS A 132 8.28 -7.02 -10.02
C LYS A 132 6.91 -7.66 -9.87
N LYS A 133 5.88 -6.93 -10.31
CA LYS A 133 4.50 -7.42 -10.23
C LYS A 133 4.34 -8.75 -10.93
N ALA A 134 5.04 -8.94 -12.04
CA ALA A 134 4.92 -10.16 -12.81
C ALA A 134 5.35 -11.40 -12.04
N ASN A 135 6.12 -11.23 -10.97
CA ASN A 135 6.61 -12.37 -10.21
C ASN A 135 5.62 -12.86 -9.15
N PHE A 136 4.47 -12.23 -8.98
CA PHE A 136 3.49 -12.64 -8.00
C PHE A 136 2.41 -13.51 -8.63
N LEU A 137 1.80 -14.38 -7.82
CA LEU A 137 0.69 -15.21 -8.31
C LEU A 137 -0.52 -14.35 -8.66
#